data_1BZH
#
_entry.id   1BZH
#
_cell.length_a   39.690
_cell.length_b   86.820
_cell.length_c   52.000
_cell.angle_alpha   90.00
_cell.angle_beta   96.91
_cell.angle_gamma   90.00
#
_symmetry.space_group_name_H-M   'P 1 21 1'
#
loop_
_entity.id
_entity.type
_entity.pdbx_description
1 polymer 'PROTEIN (PROTEIN-TYROSINE-PHOSPHATASE 1B)'
2 polymer 'PROTEIN (PROTEIN-TYROSINE-PHOSPHATASE 1B INHIBITOR)'
3 water water
#
loop_
_entity_poly.entity_id
_entity_poly.type
_entity_poly.pdbx_seq_one_letter_code
_entity_poly.pdbx_strand_id
1 'polypeptide(L)'
;MEMEKEFEQIDKSGSWAAIYQDIRHEASDFPCRVAKLPKNKNRNRYRDVSPFDHSRIKLHQEDNDYINASLIKMEEAQRS
YILTQGPLPNTCGHFWEMVWEQKSRGVVMLNRVMEKGSLKCAQYWPQKEEKEMIFEDTNLKLTLISEDIKSYYTVRQLEL
ENLTTQETREILHFHYTTWPDFGVPESPASFLNFLFKVRESGSLSPEHGPVVVHCSAGIGRSGTFCLADTCLLLMDKRKD
PSSVDIKKVLLDMRKFRMGLIQTAEQLRFSYLAVIEGAKFIMGDSSVQDQWKELSHED
;
A
2 'polypeptide(L)' DADE(FLT)L(AEA) I
#
# COMPACT_ATOMS: atom_id res chain seq x y z
N GLU A 2 6.91 15.71 19.27
CA GLU A 2 6.55 14.71 20.33
C GLU A 2 5.22 14.05 20.01
N MET A 3 5.27 12.88 19.38
CA MET A 3 4.10 12.15 18.93
C MET A 3 3.20 11.47 19.94
N GLU A 4 3.67 10.96 21.06
CA GLU A 4 2.78 10.37 22.07
C GLU A 4 1.86 11.48 22.56
N LYS A 5 2.50 12.61 22.86
CA LYS A 5 1.85 13.83 23.31
C LYS A 5 0.69 14.15 22.38
N GLU A 6 1.03 14.33 21.11
CA GLU A 6 0.05 14.71 20.11
C GLU A 6 -1.15 13.78 20.06
N PHE A 7 -0.93 12.47 20.04
CA PHE A 7 -2.00 11.50 20.03
C PHE A 7 -2.95 11.74 21.21
N GLU A 8 -2.42 11.68 22.44
CA GLU A 8 -3.23 11.93 23.62
C GLU A 8 -3.90 13.31 23.50
N GLN A 9 -3.09 14.34 23.28
CA GLN A 9 -3.59 15.70 23.16
C GLN A 9 -4.75 15.81 22.18
N ILE A 10 -4.68 15.13 21.03
CA ILE A 10 -5.70 15.20 20.01
C ILE A 10 -6.95 14.40 20.34
N ASP A 11 -6.77 13.22 20.91
CA ASP A 11 -7.86 12.33 21.29
C ASP A 11 -8.71 12.94 22.41
N LYS A 12 -8.01 13.42 23.43
CA LYS A 12 -8.69 14.03 24.58
C LYS A 12 -9.59 15.14 24.07
N SER A 13 -8.99 15.99 23.23
CA SER A 13 -9.68 17.11 22.61
C SER A 13 -10.61 16.74 21.48
N GLY A 14 -10.53 15.54 20.95
CA GLY A 14 -11.35 15.10 19.84
C GLY A 14 -11.23 16.03 18.63
N SER A 15 -9.98 16.31 18.21
CA SER A 15 -9.77 17.16 17.05
C SER A 15 -9.23 16.35 15.87
N TRP A 16 -9.58 15.07 15.73
CA TRP A 16 -9.07 14.22 14.66
C TRP A 16 -9.56 14.68 13.30
N ALA A 17 -10.85 14.98 13.19
CA ALA A 17 -11.43 15.44 11.95
C ALA A 17 -10.74 16.75 11.53
N ALA A 18 -10.65 17.66 12.48
CA ALA A 18 -10.00 18.95 12.31
C ALA A 18 -8.53 18.82 11.94
N ILE A 19 -7.78 17.95 12.62
CA ILE A 19 -6.36 17.79 12.29
C ILE A 19 -6.26 17.23 10.86
N TYR A 20 -7.12 16.25 10.59
CA TYR A 20 -7.21 15.61 9.31
C TYR A 20 -7.58 16.58 8.20
N GLN A 21 -8.68 17.31 8.38
CA GLN A 21 -9.19 18.26 7.40
C GLN A 21 -8.16 19.31 7.10
N ASP A 22 -7.38 19.72 8.10
CA ASP A 22 -6.31 20.66 7.82
C ASP A 22 -5.28 20.06 6.89
N ILE A 23 -5.01 18.75 7.02
CA ILE A 23 -4.09 18.07 6.12
C ILE A 23 -4.73 17.98 4.74
N ARG A 24 -6.02 17.69 4.66
CA ARG A 24 -6.68 17.70 3.36
C ARG A 24 -6.47 19.08 2.72
N HIS A 25 -6.74 20.16 3.43
CA HIS A 25 -6.67 21.50 2.92
C HIS A 25 -5.29 21.88 2.40
N GLU A 26 -4.25 21.48 3.10
CA GLU A 26 -2.89 21.80 2.71
C GLU A 26 -2.32 20.85 1.67
N ALA A 27 -2.92 19.71 1.42
CA ALA A 27 -2.47 18.73 0.46
C ALA A 27 -2.09 19.37 -0.89
N SER A 28 -1.00 18.91 -1.46
CA SER A 28 -0.53 19.31 -2.75
C SER A 28 -1.63 18.99 -3.79
N ASP A 29 -1.48 19.63 -4.95
CA ASP A 29 -2.37 19.33 -6.05
C ASP A 29 -1.65 19.53 -7.38
N PHE A 30 -1.54 18.47 -8.15
CA PHE A 30 -0.83 18.47 -9.41
C PHE A 30 -1.78 17.93 -10.47
N PRO A 31 -1.50 18.26 -11.71
CA PRO A 31 -2.33 17.77 -12.79
C PRO A 31 -2.28 16.26 -12.92
N CYS A 32 -3.43 15.73 -13.30
CA CYS A 32 -3.64 14.31 -13.57
C CYS A 32 -4.11 14.19 -15.02
N ARG A 33 -3.39 14.82 -15.93
CA ARG A 33 -3.80 14.86 -17.33
C ARG A 33 -4.02 13.47 -17.91
N VAL A 34 -3.02 12.61 -17.88
CA VAL A 34 -3.16 11.30 -18.54
C VAL A 34 -4.32 10.50 -18.02
N ALA A 35 -4.44 10.44 -16.72
CA ALA A 35 -5.48 9.73 -16.00
C ALA A 35 -6.88 10.12 -16.47
N LYS A 36 -7.10 11.40 -16.76
CA LYS A 36 -8.40 11.90 -17.23
C LYS A 36 -8.64 11.80 -18.73
N LEU A 37 -7.65 11.33 -19.50
CA LEU A 37 -7.85 11.15 -20.93
C LEU A 37 -8.98 10.16 -21.12
N PRO A 38 -9.92 10.46 -22.03
CA PRO A 38 -11.04 9.58 -22.32
C PRO A 38 -10.65 8.18 -22.63
N LYS A 39 -9.58 7.84 -23.32
CA LYS A 39 -9.18 6.47 -23.57
C LYS A 39 -8.71 5.75 -22.31
N ASN A 40 -8.53 6.41 -21.17
CA ASN A 40 -8.05 5.75 -19.96
C ASN A 40 -9.15 5.69 -18.91
N LYS A 41 -10.35 6.11 -19.31
CA LYS A 41 -11.49 6.13 -18.40
C LYS A 41 -11.70 4.75 -17.82
N ASN A 42 -11.54 3.73 -18.67
CA ASN A 42 -11.70 2.36 -18.26
C ASN A 42 -10.54 1.75 -17.47
N ARG A 43 -9.46 2.47 -17.30
CA ARG A 43 -8.31 2.00 -16.54
C ARG A 43 -8.33 2.54 -15.12
N ASN A 44 -9.34 3.38 -14.87
CA ASN A 44 -9.47 4.06 -13.59
C ASN A 44 -10.65 3.43 -12.89
N ARG A 45 -10.41 2.80 -11.76
CA ARG A 45 -11.48 2.17 -11.02
C ARG A 45 -12.37 3.28 -10.47
N TYR A 46 -11.79 4.41 -10.11
CA TYR A 46 -12.45 5.56 -9.54
C TYR A 46 -12.10 6.82 -10.33
N ARG A 47 -13.12 7.60 -10.71
CA ARG A 47 -13.02 8.79 -11.51
C ARG A 47 -12.38 9.95 -10.78
N ASP A 48 -12.56 9.88 -9.47
CA ASP A 48 -12.08 10.86 -8.52
C ASP A 48 -10.81 10.34 -7.85
N VAL A 49 -10.16 9.28 -8.33
CA VAL A 49 -8.89 8.85 -7.74
C VAL A 49 -7.92 8.58 -8.90
N SER A 50 -7.05 9.57 -9.14
CA SER A 50 -6.11 9.53 -10.24
C SER A 50 -4.68 9.77 -9.79
N PRO A 51 -3.75 9.13 -10.50
CA PRO A 51 -2.33 9.34 -10.29
C PRO A 51 -1.91 10.69 -10.89
N PHE A 52 -1.08 11.48 -10.24
CA PHE A 52 -0.57 12.70 -10.81
C PHE A 52 0.23 12.29 -12.04
N ASP A 53 0.43 13.12 -13.03
CA ASP A 53 1.23 12.84 -14.21
C ASP A 53 2.71 12.70 -13.88
N HIS A 54 3.13 13.53 -12.92
CA HIS A 54 4.52 13.58 -12.51
C HIS A 54 5.03 12.33 -11.80
N SER A 55 4.21 11.59 -11.08
CA SER A 55 4.69 10.41 -10.36
C SER A 55 4.02 9.13 -10.82
N ARG A 56 3.19 9.24 -11.86
CA ARG A 56 2.49 8.05 -12.33
C ARG A 56 3.51 7.05 -12.86
N ILE A 57 3.17 5.80 -12.75
CA ILE A 57 3.95 4.71 -13.31
C ILE A 57 3.54 4.57 -14.80
N LYS A 58 4.55 4.66 -15.63
CA LYS A 58 4.37 4.49 -17.08
C LYS A 58 4.61 3.04 -17.44
N LEU A 59 3.61 2.38 -18.02
CA LEU A 59 3.82 0.99 -18.46
C LEU A 59 4.80 1.08 -19.62
N HIS A 60 5.71 0.16 -19.81
CA HIS A 60 6.67 0.18 -20.90
C HIS A 60 6.14 -0.38 -22.21
N GLN A 61 4.87 -0.19 -22.50
CA GLN A 61 4.20 -0.62 -23.70
C GLN A 61 4.02 0.65 -24.54
N GLU A 62 4.38 0.58 -25.81
CA GLU A 62 4.26 1.77 -26.68
C GLU A 62 2.81 2.11 -26.99
N ASP A 63 1.91 1.21 -26.75
CA ASP A 63 0.48 1.16 -26.85
C ASP A 63 -0.20 2.32 -26.11
N ASN A 64 -0.39 2.15 -24.82
CA ASN A 64 -1.02 3.03 -23.86
C ASN A 64 -0.28 2.71 -22.56
N ASP A 65 0.53 3.67 -22.12
CA ASP A 65 1.41 3.46 -20.97
C ASP A 65 0.73 3.72 -19.63
N TYR A 66 -0.59 3.93 -19.66
CA TYR A 66 -1.32 4.31 -18.49
C TYR A 66 -1.83 3.20 -17.58
N ILE A 67 -1.54 3.45 -16.30
CA ILE A 67 -2.05 2.57 -15.22
C ILE A 67 -2.32 3.50 -14.05
N ASN A 68 -3.41 3.31 -13.32
CA ASN A 68 -3.64 4.18 -12.15
C ASN A 68 -2.67 3.69 -11.07
N ALA A 69 -1.42 4.15 -11.06
CA ALA A 69 -0.37 3.80 -10.13
C ALA A 69 0.58 5.02 -10.03
N SER A 70 1.06 5.30 -8.85
CA SER A 70 1.90 6.42 -8.54
C SER A 70 3.17 5.96 -7.82
N LEU A 71 4.27 6.62 -8.14
CA LEU A 71 5.53 6.26 -7.50
C LEU A 71 5.68 7.18 -6.29
N ILE A 72 5.64 6.70 -5.07
CA ILE A 72 5.84 7.55 -3.89
C ILE A 72 7.34 7.41 -3.56
N LYS A 73 8.16 8.42 -3.75
CA LYS A 73 9.58 8.29 -3.48
C LYS A 73 9.90 9.03 -2.18
N MET A 74 10.10 8.35 -1.05
CA MET A 74 10.42 9.08 0.18
C MET A 74 11.94 9.21 0.26
N GLU A 75 12.44 10.33 -0.22
CA GLU A 75 13.83 10.69 -0.30
C GLU A 75 14.60 10.45 1.00
N GLU A 76 14.20 11.18 2.05
CA GLU A 76 14.84 11.05 3.34
C GLU A 76 14.63 9.65 3.92
N ALA A 77 13.42 9.08 3.80
CA ALA A 77 13.23 7.74 4.34
C ALA A 77 13.98 6.73 3.48
N GLN A 78 14.37 7.03 2.24
CA GLN A 78 15.08 6.11 1.39
C GLN A 78 14.25 4.90 1.00
N ARG A 79 13.01 5.16 0.61
CA ARG A 79 12.14 4.04 0.24
C ARG A 79 11.14 4.60 -0.78
N SER A 80 10.80 3.73 -1.71
CA SER A 80 9.87 4.02 -2.75
C SER A 80 8.75 3.01 -2.71
N TYR A 81 7.56 3.50 -3.01
CA TYR A 81 6.43 2.57 -3.03
C TYR A 81 5.68 2.95 -4.32
N ILE A 82 4.98 1.93 -4.79
CA ILE A 82 4.10 2.13 -5.93
C ILE A 82 2.73 1.99 -5.26
N LEU A 83 1.90 3.03 -5.28
CA LEU A 83 0.57 2.90 -4.72
C LEU A 83 -0.35 2.84 -5.95
N THR A 84 -1.24 1.85 -5.91
CA THR A 84 -2.08 1.65 -7.05
C THR A 84 -3.47 1.17 -6.61
N GLN A 85 -4.44 1.32 -7.51
CA GLN A 85 -5.78 0.80 -7.20
C GLN A 85 -5.77 -0.71 -7.32
N GLY A 86 -6.79 -1.34 -6.77
CA GLY A 86 -6.94 -2.78 -6.96
C GLY A 86 -7.22 -2.91 -8.48
N PRO A 87 -6.49 -3.80 -9.12
CA PRO A 87 -6.65 -4.02 -10.54
C PRO A 87 -8.10 -4.19 -10.91
N LEU A 88 -8.52 -3.63 -12.05
CA LEU A 88 -9.87 -3.87 -12.57
C LEU A 88 -9.74 -5.12 -13.45
N PRO A 89 -10.86 -5.68 -13.88
CA PRO A 89 -10.82 -6.88 -14.72
C PRO A 89 -10.06 -6.69 -16.02
N ASN A 90 -10.05 -5.52 -16.64
CA ASN A 90 -9.26 -5.26 -17.82
C ASN A 90 -7.89 -4.67 -17.51
N THR A 91 -7.48 -4.51 -16.23
CA THR A 91 -6.17 -3.91 -15.98
C THR A 91 -5.27 -4.87 -15.19
N CYS A 92 -5.64 -6.14 -15.13
CA CYS A 92 -4.87 -7.12 -14.40
C CYS A 92 -3.57 -7.39 -15.14
N GLY A 93 -3.58 -7.44 -16.46
CA GLY A 93 -2.33 -7.62 -17.21
C GLY A 93 -1.45 -6.39 -17.01
N HIS A 94 -2.01 -5.18 -17.08
CA HIS A 94 -1.22 -3.97 -16.86
C HIS A 94 -0.55 -4.00 -15.47
N PHE A 95 -1.36 -4.39 -14.47
CA PHE A 95 -0.80 -4.44 -13.11
C PHE A 95 0.44 -5.32 -13.10
N TRP A 96 0.32 -6.57 -13.57
CA TRP A 96 1.48 -7.46 -13.56
C TRP A 96 2.59 -6.95 -14.45
N GLU A 97 2.23 -6.24 -15.52
CA GLU A 97 3.24 -5.65 -16.39
C GLU A 97 3.98 -4.57 -15.61
N MET A 98 3.24 -3.80 -14.80
CA MET A 98 3.89 -2.79 -13.95
C MET A 98 4.82 -3.51 -13.00
N VAL A 99 4.31 -4.54 -12.32
CA VAL A 99 5.13 -5.32 -11.39
C VAL A 99 6.45 -5.77 -12.03
N TRP A 100 6.29 -6.36 -13.21
CA TRP A 100 7.41 -6.87 -13.97
C TRP A 100 8.44 -5.81 -14.36
N GLU A 101 7.96 -4.75 -15.02
CA GLU A 101 8.82 -3.70 -15.51
C GLU A 101 9.41 -2.91 -14.36
N GLN A 102 8.77 -2.86 -13.20
CA GLN A 102 9.35 -2.07 -12.10
C GLN A 102 10.28 -2.87 -11.23
N LYS A 103 10.45 -4.15 -11.52
CA LYS A 103 11.28 -5.09 -10.77
C LYS A 103 10.79 -5.31 -9.34
N SER A 104 9.49 -5.13 -9.13
CA SER A 104 8.93 -5.26 -7.77
C SER A 104 9.03 -6.74 -7.34
N ARG A 105 9.41 -6.94 -6.09
CA ARG A 105 9.52 -8.24 -5.51
C ARG A 105 8.26 -8.60 -4.73
N GLY A 106 7.63 -7.59 -4.12
CA GLY A 106 6.49 -7.79 -3.25
C GLY A 106 5.33 -6.93 -3.77
N VAL A 107 4.13 -7.37 -3.54
CA VAL A 107 2.86 -6.80 -3.80
C VAL A 107 2.15 -6.92 -2.44
N VAL A 108 1.65 -5.82 -1.98
CA VAL A 108 1.01 -5.70 -0.69
C VAL A 108 -0.46 -5.33 -0.98
N MET A 109 -1.34 -6.22 -0.58
CA MET A 109 -2.77 -6.01 -0.76
C MET A 109 -3.34 -5.77 0.62
N LEU A 110 -3.98 -4.61 0.75
CA LEU A 110 -4.49 -4.26 2.10
C LEU A 110 -5.99 -4.46 2.16
N ASN A 111 -6.53 -5.06 1.10
CA ASN A 111 -7.98 -5.23 1.04
C ASN A 111 -8.37 -6.66 0.70
N ARG A 112 -9.68 -6.85 0.57
CA ARG A 112 -10.25 -8.12 0.13
C ARG A 112 -10.94 -7.79 -1.19
N VAL A 113 -10.97 -8.79 -2.07
CA VAL A 113 -11.62 -8.63 -3.38
C VAL A 113 -13.04 -8.11 -3.25
N MET A 114 -13.73 -8.49 -2.19
CA MET A 114 -15.05 -8.08 -1.79
C MET A 114 -14.99 -7.35 -0.44
N GLU A 115 -15.62 -6.18 -0.35
CA GLU A 115 -15.72 -5.43 0.89
C GLU A 115 -17.01 -4.60 0.87
N LYS A 116 -17.73 -4.53 1.99
CA LYS A 116 -19.00 -3.80 2.05
C LYS A 116 -20.02 -4.32 1.05
N GLY A 117 -19.98 -5.60 0.68
CA GLY A 117 -20.86 -6.25 -0.24
C GLY A 117 -20.50 -5.99 -1.70
N SER A 118 -19.42 -5.24 -1.92
CA SER A 118 -19.00 -4.88 -3.25
C SER A 118 -17.54 -5.20 -3.57
N LEU A 119 -17.31 -5.32 -4.88
CA LEU A 119 -15.96 -5.64 -5.37
C LEU A 119 -15.06 -4.41 -5.29
N LYS A 120 -13.98 -4.58 -4.54
CA LYS A 120 -13.05 -3.45 -4.36
C LYS A 120 -11.80 -3.72 -5.18
N CYS A 121 -11.75 -4.83 -5.90
CA CYS A 121 -10.52 -5.18 -6.60
C CYS A 121 -10.72 -6.48 -7.34
N ALA A 122 -10.11 -6.66 -8.51
CA ALA A 122 -10.33 -7.94 -9.19
C ALA A 122 -9.49 -9.06 -8.63
N GLN A 123 -9.80 -10.31 -9.00
CA GLN A 123 -9.05 -11.49 -8.55
C GLN A 123 -7.85 -11.58 -9.46
N TYR A 124 -6.82 -10.81 -9.17
CA TYR A 124 -5.72 -10.64 -10.13
C TYR A 124 -4.62 -11.66 -10.02
N TRP A 125 -4.75 -12.56 -9.08
CA TRP A 125 -3.80 -13.62 -8.85
C TRP A 125 -4.55 -14.97 -8.80
N PRO A 126 -3.88 -16.05 -9.14
CA PRO A 126 -4.46 -17.36 -9.17
C PRO A 126 -4.67 -17.95 -7.79
N GLN A 127 -5.92 -18.32 -7.53
CA GLN A 127 -6.25 -18.89 -6.23
C GLN A 127 -5.81 -20.36 -6.16
N LYS A 128 -5.54 -21.00 -7.29
CA LYS A 128 -5.20 -22.43 -7.24
C LYS A 128 -3.92 -22.65 -8.04
N GLU A 129 -3.05 -23.48 -7.47
CA GLU A 129 -1.78 -23.81 -8.09
C GLU A 129 -2.00 -24.32 -9.51
N GLU A 130 -2.99 -25.17 -9.71
CA GLU A 130 -3.34 -25.72 -10.99
C GLU A 130 -3.98 -24.72 -11.95
N LYS A 131 -4.56 -23.62 -11.49
CA LYS A 131 -5.21 -22.75 -12.49
C LYS A 131 -4.39 -21.47 -12.65
N GLU A 132 -3.31 -21.57 -13.41
CA GLU A 132 -2.45 -20.42 -13.58
C GLU A 132 -3.22 -19.38 -14.40
N MET A 133 -2.77 -18.13 -14.30
CA MET A 133 -3.44 -17.13 -15.14
C MET A 133 -2.42 -16.65 -16.17
N ILE A 134 -2.93 -16.46 -17.35
CA ILE A 134 -2.16 -15.94 -18.46
C ILE A 134 -2.82 -14.60 -18.81
N PHE A 135 -1.99 -13.57 -18.84
CA PHE A 135 -2.44 -12.24 -19.23
C PHE A 135 -2.05 -12.13 -20.72
N GLU A 136 -3.07 -12.30 -21.55
CA GLU A 136 -2.79 -12.37 -22.99
C GLU A 136 -2.44 -10.98 -23.46
N ASP A 137 -3.20 -9.96 -23.12
CA ASP A 137 -2.86 -8.61 -23.52
C ASP A 137 -1.40 -8.26 -23.24
N THR A 138 -0.83 -8.63 -22.10
CA THR A 138 0.54 -8.26 -21.74
C THR A 138 1.55 -9.39 -21.90
N ASN A 139 1.04 -10.59 -22.14
CA ASN A 139 1.84 -11.78 -22.33
C ASN A 139 2.66 -12.18 -21.11
N LEU A 140 1.94 -12.26 -19.98
CA LEU A 140 2.56 -12.68 -18.74
C LEU A 140 1.81 -13.90 -18.21
N LYS A 141 2.51 -14.79 -17.57
CA LYS A 141 1.94 -15.98 -16.97
C LYS A 141 2.12 -15.81 -15.45
N LEU A 142 1.08 -16.17 -14.72
CA LEU A 142 1.07 -15.99 -13.27
C LEU A 142 0.63 -17.29 -12.65
N THR A 143 1.52 -17.77 -11.77
CA THR A 143 1.24 -19.06 -11.14
C THR A 143 1.41 -18.95 -9.65
N LEU A 144 0.43 -19.47 -8.92
CA LEU A 144 0.47 -19.55 -7.46
C LEU A 144 1.37 -20.74 -7.11
N ILE A 145 2.46 -20.49 -6.38
CA ILE A 145 3.40 -21.56 -6.08
C ILE A 145 3.05 -22.20 -4.75
N SER A 146 2.76 -21.29 -3.83
CA SER A 146 2.37 -21.64 -2.50
C SER A 146 1.76 -20.43 -1.78
N GLU A 147 1.11 -20.73 -0.66
CA GLU A 147 0.56 -19.68 0.18
C GLU A 147 0.70 -20.04 1.65
N ASP A 148 0.76 -19.03 2.51
CA ASP A 148 0.88 -19.28 3.96
C ASP A 148 -0.14 -18.44 4.70
N ILE A 149 -1.30 -19.05 4.92
CA ILE A 149 -2.44 -18.39 5.54
C ILE A 149 -2.18 -18.32 7.04
N LYS A 150 -2.03 -17.12 7.55
CA LYS A 150 -1.85 -16.89 8.99
C LYS A 150 -3.18 -16.28 9.40
N SER A 151 -3.41 -15.91 10.65
CA SER A 151 -4.70 -15.40 11.08
C SER A 151 -5.08 -14.03 10.54
N TYR A 152 -4.12 -13.12 10.36
CA TYR A 152 -4.48 -11.81 9.85
C TYR A 152 -3.91 -11.47 8.48
N TYR A 153 -3.10 -12.35 7.89
CA TYR A 153 -2.54 -12.07 6.57
C TYR A 153 -2.15 -13.41 5.92
N THR A 154 -1.97 -13.32 4.61
CA THR A 154 -1.60 -14.48 3.82
C THR A 154 -0.40 -14.05 2.99
N VAL A 155 0.63 -14.88 3.00
CA VAL A 155 1.80 -14.59 2.21
C VAL A 155 1.73 -15.66 1.11
N ARG A 156 1.71 -15.18 -0.12
CA ARG A 156 1.67 -16.11 -1.24
C ARG A 156 2.98 -15.96 -2.01
N GLN A 157 3.42 -17.09 -2.51
CA GLN A 157 4.58 -17.18 -3.38
C GLN A 157 4.06 -17.42 -4.79
N LEU A 158 4.10 -16.37 -5.57
CA LEU A 158 3.64 -16.36 -6.95
C LEU A 158 4.85 -16.40 -7.88
N GLU A 159 4.64 -16.94 -9.06
CA GLU A 159 5.66 -17.03 -10.08
C GLU A 159 5.14 -16.30 -11.31
N LEU A 160 5.82 -15.19 -11.62
CA LEU A 160 5.45 -14.36 -12.75
C LEU A 160 6.44 -14.68 -13.88
N GLU A 161 5.86 -15.04 -15.02
CA GLU A 161 6.69 -15.39 -16.16
C GLU A 161 6.39 -14.42 -17.28
N ASN A 162 7.45 -13.80 -17.77
CA ASN A 162 7.30 -12.94 -18.96
C ASN A 162 7.36 -13.98 -20.09
N LEU A 163 6.25 -14.29 -20.72
CA LEU A 163 6.16 -15.29 -21.77
C LEU A 163 6.98 -14.90 -23.00
N THR A 164 7.08 -13.60 -23.21
CA THR A 164 7.92 -13.05 -24.26
C THR A 164 9.38 -13.42 -24.06
N THR A 165 9.97 -13.22 -22.88
CA THR A 165 11.39 -13.51 -22.72
C THR A 165 11.74 -14.83 -22.07
N GLN A 166 10.80 -15.72 -21.76
CA GLN A 166 11.10 -16.96 -21.06
C GLN A 166 11.84 -16.70 -19.75
N GLU A 167 11.46 -15.60 -19.09
CA GLU A 167 12.14 -15.26 -17.83
C GLU A 167 11.09 -15.27 -16.74
N THR A 168 11.50 -15.77 -15.57
CA THR A 168 10.56 -15.94 -14.47
C THR A 168 11.09 -15.30 -13.20
N ARG A 169 10.16 -14.77 -12.43
CA ARG A 169 10.46 -14.09 -11.18
C ARG A 169 9.52 -14.60 -10.10
N GLU A 170 9.96 -14.51 -8.86
CA GLU A 170 9.09 -14.91 -7.75
C GLU A 170 8.54 -13.65 -7.13
N ILE A 171 7.23 -13.56 -7.00
CA ILE A 171 6.65 -12.32 -6.46
C ILE A 171 6.03 -12.73 -5.13
N LEU A 172 6.35 -12.05 -4.07
CA LEU A 172 5.71 -12.37 -2.79
C LEU A 172 4.48 -11.49 -2.70
N HIS A 173 3.38 -12.14 -2.40
CA HIS A 173 2.12 -11.43 -2.25
C HIS A 173 1.76 -11.37 -0.77
N PHE A 174 1.69 -10.17 -0.23
CA PHE A 174 1.34 -9.93 1.16
C PHE A 174 -0.08 -9.43 1.18
N HIS A 175 -0.98 -10.20 1.71
CA HIS A 175 -2.39 -9.91 1.75
C HIS A 175 -2.92 -9.82 3.17
N TYR A 176 -3.03 -8.56 3.62
CA TYR A 176 -3.64 -8.39 4.95
C TYR A 176 -5.12 -8.63 4.73
N THR A 177 -5.62 -9.71 5.29
CA THR A 177 -7.00 -10.14 5.04
C THR A 177 -8.00 -9.70 6.08
N THR A 178 -7.52 -9.16 7.18
CA THR A 178 -8.41 -8.88 8.31
C THR A 178 -8.78 -7.43 8.52
N TRP A 179 -8.43 -6.54 7.60
CA TRP A 179 -8.89 -5.14 7.71
C TRP A 179 -10.41 -5.17 7.65
N PRO A 180 -11.08 -4.56 8.62
CA PRO A 180 -12.54 -4.58 8.70
C PRO A 180 -13.21 -3.88 7.55
N ASP A 181 -14.47 -4.20 7.28
CA ASP A 181 -15.24 -3.51 6.25
C ASP A 181 -15.42 -2.03 6.57
N PHE A 182 -15.55 -1.65 7.85
CA PHE A 182 -15.81 -0.25 8.21
C PHE A 182 -14.82 0.13 9.30
N GLY A 183 -14.37 1.38 9.40
CA GLY A 183 -13.41 1.71 10.43
C GLY A 183 -12.05 1.08 10.21
N VAL A 184 -11.18 1.18 11.19
CA VAL A 184 -9.84 0.57 11.15
C VAL A 184 -9.73 -0.50 12.21
N PRO A 185 -8.64 -1.25 12.16
CA PRO A 185 -8.39 -2.26 13.20
C PRO A 185 -8.37 -1.53 14.55
N GLU A 186 -8.97 -2.11 15.59
CA GLU A 186 -8.96 -1.45 16.90
C GLU A 186 -7.54 -1.33 17.46
N SER A 187 -6.66 -2.26 17.10
CA SER A 187 -5.26 -2.21 17.52
C SER A 187 -4.37 -2.22 16.29
N PRO A 188 -3.22 -1.58 16.31
CA PRO A 188 -2.28 -1.59 15.20
C PRO A 188 -1.46 -2.88 15.18
N ALA A 189 -1.60 -3.70 16.22
CA ALA A 189 -0.84 -4.93 16.36
C ALA A 189 -0.75 -5.78 15.10
N SER A 190 -1.87 -6.21 14.51
CA SER A 190 -1.81 -7.06 13.33
C SER A 190 -1.20 -6.37 12.11
N PHE A 191 -1.55 -5.12 11.85
CA PHE A 191 -1.00 -4.35 10.75
C PHE A 191 0.50 -4.26 10.85
N LEU A 192 0.99 -3.90 12.05
CA LEU A 192 2.42 -3.76 12.28
C LEU A 192 3.19 -5.05 12.11
N ASN A 193 2.57 -6.14 12.55
CA ASN A 193 3.24 -7.44 12.42
C ASN A 193 3.23 -7.81 10.95
N PHE A 194 2.13 -7.43 10.27
CA PHE A 194 2.08 -7.67 8.82
C PHE A 194 3.18 -6.81 8.20
N LEU A 195 3.29 -5.55 8.60
CA LEU A 195 4.33 -4.69 8.07
C LEU A 195 5.73 -5.28 8.22
N PHE A 196 6.01 -5.84 9.40
CA PHE A 196 7.35 -6.38 9.66
C PHE A 196 7.64 -7.62 8.84
N LYS A 197 6.68 -8.51 8.58
CA LYS A 197 6.94 -9.61 7.65
C LYS A 197 7.22 -9.09 6.23
N VAL A 198 6.51 -8.03 5.81
CA VAL A 198 6.75 -7.49 4.48
C VAL A 198 8.24 -7.06 4.48
N ARG A 199 8.62 -6.28 5.48
CA ARG A 199 9.98 -5.79 5.63
C ARG A 199 11.04 -6.90 5.70
N GLU A 200 10.69 -7.91 6.45
CA GLU A 200 11.52 -9.06 6.73
C GLU A 200 11.80 -9.88 5.48
N SER A 201 10.79 -9.95 4.60
CA SER A 201 10.94 -10.69 3.35
C SER A 201 11.98 -10.07 2.44
N GLY A 202 12.41 -8.85 2.65
CA GLY A 202 13.32 -8.13 1.78
C GLY A 202 12.54 -7.46 0.66
N SER A 203 11.20 -7.53 0.69
CA SER A 203 10.44 -6.93 -0.41
C SER A 203 10.62 -5.43 -0.55
N LEU A 204 10.88 -4.73 0.53
CA LEU A 204 11.04 -3.29 0.51
C LEU A 204 12.47 -2.79 0.34
N SER A 205 13.39 -3.73 0.17
CA SER A 205 14.80 -3.30 0.07
C SER A 205 14.98 -2.53 -1.24
N PRO A 206 15.97 -1.64 -1.27
CA PRO A 206 16.28 -0.85 -2.43
C PRO A 206 16.90 -1.66 -3.54
N GLU A 207 17.31 -2.90 -3.29
CA GLU A 207 17.78 -3.84 -4.27
C GLU A 207 16.64 -4.27 -5.20
N HIS A 208 15.38 -4.10 -4.82
CA HIS A 208 14.26 -4.45 -5.67
C HIS A 208 13.58 -3.20 -6.20
N GLY A 209 12.63 -3.35 -7.08
CA GLY A 209 11.85 -2.20 -7.51
C GLY A 209 10.95 -1.91 -6.30
N PRO A 210 10.23 -0.80 -6.40
CA PRO A 210 9.32 -0.44 -5.32
C PRO A 210 8.25 -1.52 -5.11
N VAL A 211 7.90 -1.73 -3.85
CA VAL A 211 6.83 -2.62 -3.45
C VAL A 211 5.52 -2.06 -4.04
N VAL A 212 4.67 -2.97 -4.50
CA VAL A 212 3.41 -2.47 -5.10
C VAL A 212 2.32 -2.59 -4.04
N VAL A 213 1.88 -1.44 -3.55
CA VAL A 213 0.91 -1.43 -2.45
C VAL A 213 -0.46 -1.03 -3.01
N HIS A 214 -1.49 -1.84 -2.71
CA HIS A 214 -2.82 -1.46 -3.15
C HIS A 214 -3.89 -1.87 -2.14
N CYS A 215 -5.01 -1.17 -2.33
CA CYS A 215 -6.23 -1.45 -1.56
C CYS A 215 -7.31 -1.35 -2.63
N SER A 216 -8.39 -0.61 -2.47
CA SER A 216 -9.36 -0.53 -3.57
C SER A 216 -9.00 0.66 -4.45
N ALA A 217 -8.93 1.86 -3.84
CA ALA A 217 -8.54 3.05 -4.59
C ALA A 217 -7.03 3.24 -4.58
N GLY A 218 -6.34 2.62 -3.64
CA GLY A 218 -4.89 2.71 -3.51
C GLY A 218 -4.46 3.99 -2.82
N ILE A 219 -5.29 4.48 -1.89
CA ILE A 219 -4.95 5.73 -1.23
C ILE A 219 -5.16 5.67 0.27
N GLY A 220 -6.24 5.01 0.72
CA GLY A 220 -6.52 5.03 2.15
C GLY A 220 -5.69 4.06 2.95
N ARG A 221 -5.99 2.77 2.83
CA ARG A 221 -5.19 1.79 3.54
C ARG A 221 -3.78 1.74 3.00
N SER A 222 -3.53 1.90 1.71
CA SER A 222 -2.18 1.86 1.16
C SER A 222 -1.40 3.03 1.71
N GLY A 223 -2.08 4.18 1.87
CA GLY A 223 -1.47 5.34 2.45
C GLY A 223 -1.09 4.99 3.89
N THR A 224 -1.93 4.29 4.62
CA THR A 224 -1.64 3.94 6.01
C THR A 224 -0.38 3.11 6.11
N PHE A 225 -0.31 2.07 5.29
CA PHE A 225 0.83 1.18 5.20
C PHE A 225 2.10 2.00 4.97
N CYS A 226 2.09 2.78 3.88
CA CYS A 226 3.25 3.57 3.52
C CYS A 226 3.64 4.64 4.53
N LEU A 227 2.70 5.43 5.00
CA LEU A 227 2.93 6.44 6.02
C LEU A 227 3.57 5.77 7.24
N ALA A 228 2.91 4.75 7.76
CA ALA A 228 3.42 4.09 8.96
C ALA A 228 4.83 3.56 8.74
N ASP A 229 5.06 2.89 7.61
CA ASP A 229 6.35 2.27 7.35
C ASP A 229 7.41 3.34 7.19
N THR A 230 7.08 4.42 6.49
CA THR A 230 8.06 5.48 6.31
C THR A 230 8.33 6.20 7.63
N CYS A 231 7.32 6.43 8.45
CA CYS A 231 7.53 7.14 9.72
C CYS A 231 8.42 6.25 10.60
N LEU A 232 8.26 4.94 10.54
CA LEU A 232 9.07 3.98 11.28
C LEU A 232 10.49 3.99 10.77
N LEU A 233 10.64 4.13 9.46
CA LEU A 233 11.97 4.25 8.88
C LEU A 233 12.72 5.46 9.41
N LEU A 234 12.04 6.62 9.39
CA LEU A 234 12.69 7.84 9.83
C LEU A 234 12.98 7.86 11.33
N MET A 235 12.09 7.37 12.16
CA MET A 235 12.36 7.39 13.61
C MET A 235 13.63 6.61 13.93
N ASP A 236 13.63 5.34 13.54
CA ASP A 236 14.74 4.43 13.74
C ASP A 236 15.85 4.64 12.72
N LYS A 237 16.13 5.88 12.37
CA LYS A 237 17.11 6.43 11.49
C LYS A 237 17.63 7.81 11.96
N ARG A 238 16.73 8.60 12.53
CA ARG A 238 17.07 9.95 12.95
C ARG A 238 17.78 9.95 14.30
N LYS A 239 18.46 11.06 14.58
CA LYS A 239 19.20 11.29 15.81
C LYS A 239 18.19 11.16 16.97
N ASP A 240 17.03 11.78 16.77
CA ASP A 240 15.94 11.59 17.70
C ASP A 240 14.68 11.22 16.93
N PRO A 241 14.12 10.06 17.26
CA PRO A 241 12.87 9.57 16.72
C PRO A 241 11.74 10.55 16.97
N SER A 242 11.79 11.29 18.09
CA SER A 242 10.86 12.33 18.46
C SER A 242 10.65 13.37 17.38
N SER A 243 11.62 13.60 16.52
CA SER A 243 11.52 14.55 15.42
C SER A 243 10.65 14.13 14.24
N VAL A 244 10.20 12.89 14.15
CA VAL A 244 9.41 12.50 12.96
C VAL A 244 8.02 13.09 13.10
N ASP A 245 7.57 13.84 12.10
CA ASP A 245 6.22 14.44 12.16
C ASP A 245 5.29 13.72 11.18
N ILE A 246 4.40 12.85 11.61
CA ILE A 246 3.54 12.08 10.72
C ILE A 246 2.73 12.91 9.74
N LYS A 247 2.33 14.12 10.13
CA LYS A 247 1.58 15.01 9.26
C LYS A 247 2.46 15.50 8.10
N LYS A 248 3.72 15.79 8.36
CA LYS A 248 4.61 16.27 7.32
C LYS A 248 5.02 15.09 6.43
N VAL A 249 5.18 13.92 7.04
CA VAL A 249 5.45 12.73 6.26
C VAL A 249 4.30 12.53 5.27
N LEU A 250 3.08 12.57 5.81
CA LEU A 250 1.86 12.41 5.07
C LEU A 250 1.75 13.40 3.90
N LEU A 251 2.00 14.66 4.22
CA LEU A 251 1.99 15.70 3.22
C LEU A 251 3.09 15.45 2.19
N ASP A 252 4.30 14.99 2.52
CA ASP A 252 5.29 14.74 1.48
C ASP A 252 4.78 13.57 0.62
N MET A 253 4.13 12.57 1.21
CA MET A 253 3.58 11.48 0.43
C MET A 253 2.46 11.91 -0.52
N ARG A 254 1.58 12.82 -0.14
CA ARG A 254 0.52 13.38 -0.95
C ARG A 254 1.04 14.21 -2.11
N LYS A 255 2.33 14.50 -2.05
CA LYS A 255 2.92 15.19 -3.22
C LYS A 255 2.95 14.20 -4.39
N PHE A 256 3.02 12.89 -4.13
CA PHE A 256 3.16 11.86 -5.12
C PHE A 256 1.84 11.19 -5.51
N ARG A 257 0.89 11.10 -4.64
CA ARG A 257 -0.41 10.53 -4.92
C ARG A 257 -1.43 11.21 -3.97
N MET A 258 -2.58 11.54 -4.55
CA MET A 258 -3.59 12.28 -3.87
C MET A 258 -4.33 11.45 -2.84
N GLY A 259 -4.76 12.13 -1.76
CA GLY A 259 -5.69 11.53 -0.84
C GLY A 259 -5.19 10.40 0.00
N LEU A 260 -3.87 10.29 0.08
CA LEU A 260 -3.34 9.19 0.91
C LEU A 260 -3.96 9.38 2.28
N ILE A 261 -4.50 8.33 2.86
CA ILE A 261 -5.21 8.38 4.13
C ILE A 261 -6.55 9.09 3.88
N GLN A 262 -7.61 8.33 3.85
CA GLN A 262 -8.94 8.77 3.53
C GLN A 262 -9.87 9.20 4.66
N THR A 263 -9.65 8.81 5.89
CA THR A 263 -10.53 9.21 6.96
C THR A 263 -9.61 9.76 8.05
N ALA A 264 -10.25 10.46 8.97
CA ALA A 264 -9.57 10.89 10.19
C ALA A 264 -9.27 9.66 11.05
N GLU A 265 -10.04 8.58 10.92
CA GLU A 265 -9.78 7.35 11.68
C GLU A 265 -8.56 6.61 11.14
N GLN A 266 -8.35 6.67 9.82
CA GLN A 266 -7.14 6.09 9.21
C GLN A 266 -5.93 6.90 9.60
N LEU A 267 -6.09 8.23 9.74
CA LEU A 267 -4.96 9.05 10.19
C LEU A 267 -4.67 8.70 11.65
N ARG A 268 -5.73 8.52 12.44
CA ARG A 268 -5.54 8.11 13.83
C ARG A 268 -4.96 6.69 13.90
N PHE A 269 -5.41 5.82 13.00
CA PHE A 269 -4.84 4.47 12.97
C PHE A 269 -3.36 4.55 12.64
N SER A 270 -2.91 5.41 11.71
CA SER A 270 -1.50 5.54 11.41
C SER A 270 -0.70 6.08 12.58
N TYR A 271 -1.23 7.06 13.32
CA TYR A 271 -0.56 7.56 14.51
C TYR A 271 -0.42 6.38 15.49
N LEU A 272 -1.48 5.61 15.69
CA LEU A 272 -1.45 4.45 16.57
C LEU A 272 -0.32 3.48 16.17
N ALA A 273 -0.36 3.11 14.89
CA ALA A 273 0.59 2.22 14.29
C ALA A 273 2.02 2.65 14.46
N VAL A 274 2.34 3.89 14.16
CA VAL A 274 3.71 4.39 14.32
C VAL A 274 4.07 4.45 15.80
N ILE A 275 3.14 4.96 16.61
CA ILE A 275 3.39 5.07 18.06
C ILE A 275 3.71 3.69 18.61
N GLU A 276 2.86 2.71 18.31
CA GLU A 276 3.10 1.37 18.82
C GLU A 276 4.29 0.72 18.14
N GLY A 277 4.47 0.84 16.83
CA GLY A 277 5.58 0.24 16.11
C GLY A 277 6.93 0.74 16.59
N ALA A 278 6.97 2.02 16.95
CA ALA A 278 8.19 2.67 17.41
C ALA A 278 8.57 2.15 18.80
N LYS A 279 7.60 2.01 19.68
CA LYS A 279 7.89 1.48 21.03
C LYS A 279 8.64 0.16 20.91
N PHE A 280 8.08 -0.79 20.15
CA PHE A 280 8.72 -2.09 20.06
C PHE A 280 10.12 -2.11 19.49
N ILE A 281 10.42 -1.28 18.51
CA ILE A 281 11.72 -1.22 17.87
C ILE A 281 12.67 -0.21 18.51
N MET A 282 12.18 0.94 18.94
CA MET A 282 12.99 1.98 19.54
C MET A 282 13.91 1.50 20.66
N GLY A 283 13.46 0.65 21.58
CA GLY A 283 14.34 0.22 22.64
C GLY A 283 13.87 -0.89 23.56
N ASP A 284 12.78 -1.60 23.25
CA ASP A 284 12.38 -2.68 24.16
C ASP A 284 13.28 -3.87 23.81
N SER A 285 14.47 -3.87 24.38
CA SER A 285 15.51 -4.89 24.20
C SER A 285 14.95 -6.26 24.55
N SER A 286 13.98 -6.31 25.44
CA SER A 286 13.19 -7.46 25.81
C SER A 286 12.50 -8.11 24.62
N VAL A 287 12.09 -7.39 23.59
CA VAL A 287 11.43 -7.96 22.42
C VAL A 287 11.88 -7.24 21.13
N GLN A 288 11.12 -7.39 20.07
CA GLN A 288 11.32 -6.70 18.79
C GLN A 288 9.93 -6.73 18.13
N ASP A 289 9.42 -7.95 18.10
CA ASP A 289 8.11 -8.33 17.64
C ASP A 289 7.40 -8.89 18.90
N GLN A 290 6.89 -7.95 19.71
CA GLN A 290 6.15 -8.30 20.92
C GLN A 290 4.65 -8.18 20.60
N TRP A 291 4.22 -8.93 19.60
CA TRP A 291 2.86 -9.01 19.12
C TRP A 291 2.41 -10.48 19.11
N LYS A 292 2.63 -11.09 20.28
CA LYS A 292 2.28 -12.49 20.47
C LYS A 292 0.77 -12.63 20.55
N GLU A 293 0.21 -12.38 21.75
CA GLU A 293 -1.23 -12.46 21.94
C GLU A 293 -1.96 -11.54 20.97
N LEU A 294 -1.50 -10.30 20.89
CA LEU A 294 -2.04 -9.28 20.00
C LEU A 294 -2.39 -9.86 18.63
N SER A 295 -1.38 -10.28 17.86
CA SER A 295 -1.62 -10.87 16.55
C SER A 295 -1.96 -12.35 16.67
N HIS A 296 -1.88 -12.87 17.89
CA HIS A 296 -2.21 -14.23 18.26
C HIS A 296 -1.15 -15.24 17.83
N GLU A 297 -1.23 -15.77 16.61
CA GLU A 297 -0.27 -16.71 16.11
C GLU A 297 -0.23 -18.06 16.81
N ASP A 298 -0.14 -19.13 16.02
CA ASP A 298 -0.10 -20.47 16.59
C ASP A 298 1.33 -20.98 16.70
N ASP B 1 -21.85 7.13 -3.15
CA ASP B 1 -23.23 7.28 -3.59
C ASP B 1 -23.14 6.81 -5.01
N ALA B 2 -22.25 7.62 -5.84
CA ALA B 2 -22.17 7.05 -7.15
C ALA B 2 -20.99 6.11 -7.09
N ASP B 3 -20.86 5.11 -8.12
CA ASP B 3 -19.74 4.25 -8.08
C ASP B 3 -18.47 4.79 -7.53
N GLU B 4 -17.93 6.02 -8.09
CA GLU B 4 -16.66 6.37 -7.52
C GLU B 4 -16.63 7.45 -6.47
N LEU B 6 -14.74 9.06 -3.33
CA LEU B 6 -14.71 9.86 -2.14
C LEU B 6 -16.17 10.15 -1.80
#